data_3C26
#
_entry.id   3C26
#
_cell.length_a   86.820
_cell.length_b   86.820
_cell.length_c   67.260
_cell.angle_alpha   90.000
_cell.angle_beta   90.000
_cell.angle_gamma   90.000
#
_symmetry.space_group_name_H-M   'P 43 21 2'
#
loop_
_entity.id
_entity.type
_entity.pdbx_description
1 polymer 'Putative acetyltransferase Ta0821'
2 non-polymer 'NITRATE ION'
3 non-polymer 1,2-ETHANEDIOL
4 water water
#
_entity_poly.entity_id   1
_entity_poly.type   'polypeptide(L)'
_entity_poly.pdbx_seq_one_letter_code
;G(MSE)SADIVFDRGSPSDIDEIKTFTSNTWKVGYYTDLYSKLADTGT(MSE)DDYVDKVIERWVNDGSVYVLRVSGRPV
ATIH(MSE)EKLPDGSV(MSE)LGGLRVHPEYRGSRLG(MSE)SI(MSE)QETIQFLRGKTERLRSAVYSWNEPSLRLVH
RLGFHQVEEYPIYTFQGGSTAVPALKPVNERYAGRWRCFFIDWKY(MSE)CSDDPDIIHEEYSNNLIVDGSTFVYFDIYE
GGIDLFVNDSDDASSFIEKYRS(MSE)NGRITFYVRKALANGLPYVPASSLTVWEYRY
;
_entity_poly.pdbx_strand_id   A
#
# COMPACT_ATOMS: atom_id res chain seq x y z
N ILE A 6 -22.42 16.71 -2.08
CA ILE A 6 -21.09 16.10 -1.80
C ILE A 6 -19.98 16.86 -2.52
N VAL A 7 -19.17 17.49 -1.69
CA VAL A 7 -18.03 18.32 -2.08
C VAL A 7 -16.66 17.66 -1.82
N PHE A 8 -15.79 17.75 -2.80
CA PHE A 8 -14.40 17.23 -2.78
C PHE A 8 -13.44 18.35 -2.38
N ASP A 9 -12.73 18.14 -1.29
CA ASP A 9 -11.93 19.19 -0.70
C ASP A 9 -10.68 18.61 -0.04
N ARG A 10 -9.72 19.46 0.26
CA ARG A 10 -8.55 18.98 0.94
C ARG A 10 -8.92 18.79 2.41
N GLY A 11 -8.41 17.69 2.95
CA GLY A 11 -8.51 17.39 4.40
C GLY A 11 -7.69 18.39 5.23
N SER A 12 -8.20 18.73 6.41
CA SER A 12 -7.46 19.64 7.27
C SER A 12 -7.37 19.09 8.67
N PRO A 13 -6.43 19.59 9.48
CA PRO A 13 -6.27 19.06 10.84
C PRO A 13 -7.55 19.08 11.67
N SER A 14 -8.50 19.94 11.31
CA SER A 14 -9.74 20.00 12.07
C SER A 14 -10.62 18.80 11.75
N ASP A 15 -10.23 18.07 10.70
CA ASP A 15 -10.96 16.88 10.24
C ASP A 15 -10.43 15.61 10.87
N ILE A 16 -9.32 15.73 11.59
CA ILE A 16 -8.60 14.53 12.09
C ILE A 16 -9.42 13.66 13.04
N ASP A 17 -10.17 14.27 13.94
CA ASP A 17 -10.93 13.47 14.90
C ASP A 17 -11.98 12.60 14.19
N GLU A 18 -12.52 13.14 13.10
CA GLU A 18 -13.54 12.43 12.33
C GLU A 18 -12.87 11.37 11.51
N ILE A 19 -11.78 11.78 10.87
CA ILE A 19 -11.01 10.91 10.01
C ILE A 19 -10.53 9.65 10.73
N LYS A 20 -10.18 9.83 11.99
CA LYS A 20 -9.65 8.72 12.82
C LYS A 20 -10.66 7.62 13.02
N THR A 21 -11.94 7.94 12.85
CA THR A 21 -13.04 6.94 12.97
C THR A 21 -13.41 6.22 11.65
N PHE A 22 -12.79 6.65 10.58
CA PHE A 22 -13.03 6.05 9.25
C PHE A 22 -12.33 4.67 9.14
N THR A 23 -12.90 3.77 8.33
CA THR A 23 -12.26 2.47 8.04
C THR A 23 -12.17 2.18 6.54
N SER A 24 -11.21 1.33 6.21
CA SER A 24 -11.04 0.81 4.84
C SER A 24 -12.15 -0.16 4.43
N ASN A 25 -12.93 -0.59 5.42
CA ASN A 25 -14.05 -1.53 5.22
C ASN A 25 -15.20 -0.79 4.59
N THR A 26 -15.32 -0.97 3.28
CA THR A 26 -16.32 -0.27 2.49
C THR A 26 -17.42 -1.21 2.01
N TRP A 27 -17.38 -2.42 2.52
CA TRP A 27 -18.31 -3.47 2.13
C TRP A 27 -19.71 -3.33 2.76
N LYS A 28 -20.68 -3.95 2.07
CA LYS A 28 -22.09 -4.06 2.51
C LYS A 28 -22.18 -4.56 3.92
N VAL A 29 -22.91 -3.81 4.75
CA VAL A 29 -23.04 -4.14 6.18
C VAL A 29 -23.78 -5.48 6.33
N GLY A 30 -23.27 -6.34 7.23
CA GLY A 30 -23.78 -7.71 7.42
C GLY A 30 -22.65 -8.72 7.50
N TYR A 31 -22.84 -9.87 6.83
CA TYR A 31 -21.84 -10.98 6.86
C TYR A 31 -20.51 -10.51 6.33
N TYR A 32 -20.60 -9.82 5.21
CA TYR A 32 -19.39 -9.48 4.53
C TYR A 32 -18.60 -8.42 5.31
N THR A 33 -19.22 -7.59 6.14
CA THR A 33 -18.38 -6.61 6.85
C THR A 33 -17.49 -7.35 7.84
N ASP A 34 -18.03 -8.42 8.41
CA ASP A 34 -17.28 -9.24 9.37
C ASP A 34 -16.17 -9.99 8.64
N LEU A 35 -16.50 -10.48 7.47
CA LEU A 35 -15.50 -11.11 6.60
C LEU A 35 -14.36 -10.12 6.19
N TYR A 36 -14.70 -8.88 5.87
CA TYR A 36 -13.65 -7.88 5.57
C TYR A 36 -12.60 -7.78 6.71
N SER A 37 -13.10 -7.70 7.93
CA SER A 37 -12.21 -7.50 9.08
C SER A 37 -11.24 -8.65 9.21
N LYS A 38 -11.74 -9.87 9.05
CA LYS A 38 -10.87 -11.04 9.19
CA LYS A 38 -10.88 -11.04 9.18
C LYS A 38 -9.81 -11.05 8.10
N LEU A 39 -10.21 -10.70 6.90
CA LEU A 39 -9.32 -10.70 5.74
C LEU A 39 -8.27 -9.60 5.93
N ALA A 40 -8.72 -8.49 6.47
CA ALA A 40 -7.83 -7.32 6.63
C ALA A 40 -6.70 -7.63 7.61
N ASP A 41 -7.00 -8.50 8.57
CA ASP A 41 -6.04 -8.94 9.59
C ASP A 41 -4.92 -9.78 9.02
N THR A 42 -5.12 -10.31 7.83
CA THR A 42 -4.13 -11.19 7.18
C THR A 42 -3.04 -10.40 6.43
N GLY A 43 -3.13 -9.06 6.54
CA GLY A 43 -2.19 -8.11 6.00
C GLY A 43 -1.94 -6.97 6.92
N THR A 44 -1.09 -6.03 6.49
CA THR A 44 -0.67 -4.96 7.39
C THR A 44 -0.82 -3.56 6.83
N ASP A 46 -3.51 -1.86 6.69
CA ASP A 46 -4.41 -1.08 7.57
C ASP A 46 -3.66 -0.49 8.73
N ASP A 47 -2.72 -1.25 9.26
CA ASP A 47 -1.95 -0.81 10.40
C ASP A 47 -0.98 0.28 9.97
N TYR A 48 -0.48 0.16 8.75
CA TYR A 48 0.41 1.17 8.17
C TYR A 48 -0.36 2.48 8.09
N VAL A 49 -1.46 2.47 7.36
CA VAL A 49 -2.24 3.70 7.16
C VAL A 49 -2.68 4.28 8.54
N ASP A 50 -2.98 3.41 9.49
CA ASP A 50 -3.44 3.89 10.79
C ASP A 50 -2.29 4.72 11.39
N LYS A 51 -1.08 4.29 11.10
CA LYS A 51 0.09 4.90 11.71
C LYS A 51 0.44 6.25 11.12
N VAL A 52 0.21 6.42 9.82
CA VAL A 52 0.69 7.64 9.10
C VAL A 52 -0.40 8.64 8.65
N ILE A 53 -1.66 8.26 8.77
CA ILE A 53 -2.76 9.06 8.21
C ILE A 53 -2.84 10.46 8.81
N GLU A 54 -2.54 10.59 10.10
CA GLU A 54 -2.57 11.90 10.78
C GLU A 54 -1.51 12.81 10.18
N ARG A 55 -0.32 12.24 9.95
CA ARG A 55 0.81 12.93 9.31
C ARG A 55 0.45 13.43 7.92
N TRP A 56 -0.17 12.53 7.17
CA TRP A 56 -0.62 12.86 5.84
C TRP A 56 -1.56 14.03 5.80
N VAL A 57 -2.56 13.98 6.68
CA VAL A 57 -3.59 15.04 6.79
C VAL A 57 -2.92 16.36 7.06
N ASN A 58 -1.97 16.32 7.98
CA ASN A 58 -1.20 17.52 8.37
C ASN A 58 -0.29 18.05 7.26
N ASP A 59 0.12 17.16 6.36
CA ASP A 59 1.04 17.53 5.25
C ASP A 59 0.24 18.04 4.05
N GLY A 60 -1.07 17.92 4.11
CA GLY A 60 -1.94 18.34 3.00
C GLY A 60 -2.11 17.35 1.86
N SER A 61 -1.89 16.06 2.11
CA SER A 61 -1.93 15.07 1.04
C SER A 61 -3.20 14.27 1.10
N VAL A 62 -4.04 14.63 2.08
CA VAL A 62 -5.33 13.93 2.25
C VAL A 62 -6.49 14.81 1.75
N TYR A 63 -7.29 14.21 0.89
CA TYR A 63 -8.50 14.86 0.36
C TYR A 63 -9.71 14.10 0.87
N VAL A 64 -10.79 14.84 0.98
CA VAL A 64 -12.03 14.31 1.52
C VAL A 64 -13.25 14.67 0.71
N LEU A 65 -14.25 13.81 0.87
CA LEU A 65 -15.61 14.12 0.48
C LEU A 65 -16.27 14.68 1.71
N ARG A 66 -16.98 15.78 1.53
CA ARG A 66 -17.69 16.43 2.63
C ARG A 66 -19.18 16.53 2.39
N VAL A 67 -19.90 16.31 3.47
CA VAL A 67 -21.34 16.51 3.54
C VAL A 67 -21.57 17.62 4.57
N SER A 68 -22.09 18.75 4.10
CA SER A 68 -22.32 19.90 4.95
C SER A 68 -21.10 20.19 5.83
N GLY A 69 -19.94 20.17 5.17
CA GLY A 69 -18.66 20.54 5.78
C GLY A 69 -18.03 19.41 6.56
N ARG A 70 -18.79 18.34 6.75
CA ARG A 70 -18.30 17.19 7.54
C ARG A 70 -17.61 16.17 6.66
N PRO A 71 -16.38 15.78 7.01
CA PRO A 71 -15.74 14.77 6.17
C PRO A 71 -16.39 13.39 6.29
N VAL A 72 -16.61 12.72 5.15
CA VAL A 72 -17.23 11.37 5.18
C VAL A 72 -16.35 10.26 4.53
N ALA A 73 -15.32 10.69 3.82
CA ALA A 73 -14.39 9.77 3.12
C ALA A 73 -13.04 10.44 2.93
N THR A 74 -12.00 9.62 2.87
CA THR A 74 -10.66 10.12 2.60
C THR A 74 -10.04 9.40 1.44
N ILE A 75 -9.12 10.12 0.80
CA ILE A 75 -8.18 9.52 -0.14
C ILE A 75 -6.83 10.23 0.04
N HIS A 76 -5.75 9.45 0.08
CA HIS A 76 -4.38 9.98 0.11
C HIS A 76 -3.79 9.98 -1.32
N GLU A 78 0.01 10.94 -3.43
CA GLU A 78 1.40 11.32 -3.31
C GLU A 78 2.14 11.17 -4.61
N LYS A 79 2.69 12.29 -5.07
CA LYS A 79 3.44 12.34 -6.32
C LYS A 79 4.78 11.66 -6.07
N LEU A 80 5.14 10.78 -6.97
CA LEU A 80 6.35 9.96 -6.86
C LEU A 80 7.43 10.55 -7.76
N PRO A 81 8.64 10.04 -7.64
CA PRO A 81 9.74 10.63 -8.38
C PRO A 81 9.66 10.38 -9.90
N ASP A 82 9.01 9.29 -10.29
CA ASP A 82 8.85 9.00 -11.73
C ASP A 82 7.73 9.85 -12.35
N GLY A 83 7.09 10.65 -11.53
CA GLY A 83 6.09 11.59 -11.99
C GLY A 83 4.67 11.05 -11.84
N SER A 84 4.56 9.78 -11.43
CA SER A 84 3.24 9.16 -11.21
C SER A 84 2.71 9.62 -9.87
N VAL A 85 1.46 9.30 -9.60
CA VAL A 85 0.82 9.61 -8.31
C VAL A 85 0.28 8.31 -7.73
N LEU A 87 -1.98 6.46 -5.02
CA LEU A 87 -3.21 6.69 -4.29
C LEU A 87 -3.40 5.57 -3.33
N GLY A 88 -3.93 5.97 -2.18
CA GLY A 88 -4.38 5.02 -1.19
C GLY A 88 -5.02 5.64 0.02
N GLY A 89 -5.12 4.86 1.07
CA GLY A 89 -5.72 5.36 2.27
C GLY A 89 -7.19 5.69 2.06
N LEU A 90 -7.83 4.96 1.15
CA LEU A 90 -9.30 5.10 0.91
C LEU A 90 -10.12 4.55 2.09
N ARG A 91 -10.74 5.49 2.79
CA ARG A 91 -11.53 5.20 4.00
C ARG A 91 -12.82 5.98 4.01
N VAL A 92 -13.82 5.38 4.63
CA VAL A 92 -15.13 5.96 4.76
C VAL A 92 -15.59 5.86 6.23
N HIS A 93 -16.39 6.84 6.59
CA HIS A 93 -17.06 6.83 7.86
C HIS A 93 -17.92 5.53 7.91
N PRO A 94 -18.00 4.88 9.07
CA PRO A 94 -18.63 3.56 9.08
C PRO A 94 -20.11 3.52 8.73
N GLU A 95 -20.78 4.64 8.87
CA GLU A 95 -22.21 4.77 8.48
C GLU A 95 -22.42 4.73 6.98
N TYR A 96 -21.33 4.83 6.22
CA TYR A 96 -21.44 4.96 4.76
C TYR A 96 -20.93 3.74 4.02
N ARG A 97 -20.68 2.70 4.78
CA ARG A 97 -20.24 1.43 4.16
C ARG A 97 -21.32 0.92 3.21
N GLY A 98 -20.89 0.44 2.05
CA GLY A 98 -21.83 -0.12 1.07
C GLY A 98 -22.36 0.95 0.14
N SER A 99 -22.03 2.19 0.45
CA SER A 99 -22.44 3.31 -0.42
C SER A 99 -21.52 3.33 -1.63
N ARG A 100 -21.61 4.41 -2.40
CA ARG A 100 -20.77 4.54 -3.57
C ARG A 100 -19.75 5.65 -3.33
N LEU A 101 -19.46 5.86 -2.05
CA LEU A 101 -18.50 6.91 -1.70
C LEU A 101 -17.14 6.61 -2.30
N GLY A 102 -16.79 5.33 -2.34
CA GLY A 102 -15.45 4.94 -2.79
C GLY A 102 -15.31 5.34 -4.24
N SER A 104 -17.04 7.54 -5.83
CA SER A 104 -17.18 8.99 -6.03
C SER A 104 -15.89 9.66 -5.74
N ILE A 105 -15.25 9.26 -4.66
CA ILE A 105 -13.98 9.91 -4.30
C ILE A 105 -12.92 9.59 -5.33
N GLN A 107 -13.50 8.93 -8.59
CA GLN A 107 -13.84 9.75 -9.78
C GLN A 107 -13.43 11.23 -9.60
N GLU A 108 -13.63 11.78 -8.41
CA GLU A 108 -13.21 13.15 -8.16
C GLU A 108 -11.72 13.21 -8.24
N THR A 109 -11.06 12.21 -7.66
CA THR A 109 -9.60 12.14 -7.70
C THR A 109 -9.05 12.05 -9.17
N ILE A 110 -9.66 11.24 -10.02
CA ILE A 110 -9.14 11.09 -11.40
C ILE A 110 -9.22 12.42 -12.12
N GLN A 111 -10.31 13.13 -11.87
CA GLN A 111 -10.58 14.41 -12.51
C GLN A 111 -9.59 15.47 -12.00
N PHE A 112 -9.46 15.49 -10.69
CA PHE A 112 -8.54 16.38 -9.99
C PHE A 112 -7.07 16.23 -10.41
N LEU A 113 -6.67 15.04 -10.86
CA LEU A 113 -5.25 14.77 -11.20
C LEU A 113 -4.99 14.78 -12.70
N ARG A 114 -6.06 14.96 -13.47
CA ARG A 114 -5.98 15.04 -14.93
C ARG A 114 -5.09 16.23 -15.28
N GLY A 115 -4.00 15.95 -15.97
CA GLY A 115 -3.09 17.00 -16.45
C GLY A 115 -1.93 17.28 -15.53
N LYS A 116 -2.01 16.68 -14.35
CA LYS A 116 -0.98 16.80 -13.30
C LYS A 116 0.01 15.64 -13.31
N THR A 117 -0.41 14.55 -13.96
CA THR A 117 0.38 13.33 -14.07
C THR A 117 -0.16 12.54 -15.22
N GLU A 118 0.65 11.61 -15.70
CA GLU A 118 0.25 10.68 -16.76
C GLU A 118 -0.25 9.34 -16.22
N ARG A 119 0.10 9.07 -14.96
CA ARG A 119 -0.18 7.78 -14.28
C ARG A 119 -0.58 7.86 -12.82
N LEU A 120 -1.56 7.03 -12.50
CA LEU A 120 -2.02 6.81 -11.14
C LEU A 120 -1.78 5.34 -10.84
N ARG A 121 -1.38 5.09 -9.61
CA ARG A 121 -1.19 3.74 -9.09
C ARG A 121 -1.87 3.58 -7.75
N SER A 122 -2.19 2.32 -7.45
CA SER A 122 -2.82 1.97 -6.19
C SER A 122 -2.60 0.49 -5.88
N ALA A 123 -2.54 0.22 -4.58
CA ALA A 123 -2.37 -1.12 -4.11
C ALA A 123 -3.69 -1.66 -3.57
N VAL A 124 -4.06 -2.83 -4.08
CA VAL A 124 -5.32 -3.51 -3.71
C VAL A 124 -5.11 -4.99 -3.32
N TYR A 125 -5.62 -5.40 -2.16
CA TYR A 125 -5.50 -6.81 -1.75
C TYR A 125 -6.22 -7.70 -2.75
N SER A 126 -5.62 -8.86 -3.02
CA SER A 126 -6.14 -9.85 -3.98
C SER A 126 -7.53 -10.36 -3.60
N TRP A 127 -7.87 -10.29 -2.31
CA TRP A 127 -9.21 -10.76 -1.83
C TRP A 127 -10.28 -9.65 -1.80
N ASN A 128 -9.85 -8.42 -2.09
CA ASN A 128 -10.75 -7.27 -1.97
C ASN A 128 -11.49 -7.05 -3.27
N GLU A 129 -12.42 -7.95 -3.51
CA GLU A 129 -13.10 -8.04 -4.76
C GLU A 129 -13.85 -6.76 -5.13
N PRO A 130 -14.61 -6.15 -4.18
CA PRO A 130 -15.30 -4.90 -4.51
C PRO A 130 -14.34 -3.78 -4.94
N SER A 131 -13.22 -3.68 -4.24
CA SER A 131 -12.22 -2.66 -4.60
CA SER A 131 -12.21 -2.68 -4.59
C SER A 131 -11.55 -2.99 -5.93
N LEU A 132 -11.29 -4.27 -6.18
CA LEU A 132 -10.66 -4.71 -7.45
C LEU A 132 -11.62 -4.41 -8.61
N ARG A 133 -12.89 -4.66 -8.39
CA ARG A 133 -13.93 -4.35 -9.37
C ARG A 133 -14.04 -2.84 -9.63
N LEU A 134 -13.87 -2.08 -8.58
CA LEU A 134 -13.97 -0.59 -8.66
C LEU A 134 -12.82 -0.06 -9.52
N VAL A 135 -11.59 -0.47 -9.19
CA VAL A 135 -10.42 0.02 -9.95
C VAL A 135 -10.49 -0.42 -11.41
N HIS A 136 -10.95 -1.64 -11.64
CA HIS A 136 -11.05 -2.20 -12.97
C HIS A 136 -12.04 -1.37 -13.76
N ARG A 137 -13.22 -1.22 -13.17
CA ARG A 137 -14.31 -0.45 -13.79
C ARG A 137 -13.89 0.96 -14.16
N LEU A 138 -13.01 1.51 -13.33
CA LEU A 138 -12.52 2.90 -13.52
C LEU A 138 -11.41 2.99 -14.55
N GLY A 139 -10.96 1.83 -15.01
CA GLY A 139 -9.96 1.80 -16.10
C GLY A 139 -8.49 1.59 -15.72
N PHE A 140 -8.30 1.15 -14.50
CA PHE A 140 -7.00 0.69 -14.05
C PHE A 140 -6.79 -0.75 -14.55
N HIS A 141 -5.53 -1.12 -14.69
CA HIS A 141 -5.13 -2.49 -15.00
C HIS A 141 -4.01 -2.94 -14.07
N GLN A 142 -4.08 -4.19 -13.64
CA GLN A 142 -3.04 -4.74 -12.77
C GLN A 142 -1.68 -4.81 -13.44
N VAL A 143 -0.65 -4.29 -12.76
CA VAL A 143 0.69 -4.28 -13.35
C VAL A 143 1.70 -5.11 -12.55
N GLU A 144 1.39 -5.35 -11.30
CA GLU A 144 2.27 -6.18 -10.48
C GLU A 144 1.54 -6.83 -9.31
N GLU A 145 2.20 -7.80 -8.69
CA GLU A 145 1.60 -8.48 -7.55
C GLU A 145 2.65 -9.00 -6.58
N TYR A 146 2.36 -8.82 -5.28
CA TYR A 146 3.25 -9.22 -4.17
C TYR A 146 2.58 -10.18 -3.20
N PRO A 147 2.71 -11.50 -3.43
CA PRO A 147 2.20 -12.47 -2.48
C PRO A 147 2.70 -12.18 -1.07
N ILE A 148 1.84 -12.43 -0.09
CA ILE A 148 2.09 -12.07 1.32
C ILE A 148 2.36 -13.28 2.21
N TYR A 149 3.45 -13.25 2.95
CA TYR A 149 3.89 -14.34 3.85
C TYR A 149 4.07 -13.79 5.22
N THR A 150 3.26 -14.28 6.14
CA THR A 150 3.27 -13.80 7.51
C THR A 150 3.85 -14.84 8.43
N PHE A 151 4.74 -14.36 9.30
CA PHE A 151 5.48 -15.21 10.22
C PHE A 151 5.33 -14.74 11.63
N GLN A 152 5.44 -15.70 12.52
CA GLN A 152 5.38 -15.36 13.94
C GLN A 152 6.78 -15.48 14.38
N GLY A 153 7.37 -14.27 14.39
CA GLY A 153 8.77 -13.99 14.76
C GLY A 153 9.00 -14.14 16.25
N GLY A 154 9.95 -15.01 16.57
CA GLY A 154 10.25 -15.39 17.95
C GLY A 154 11.53 -14.90 18.62
N SER A 155 12.64 -14.87 17.89
CA SER A 155 13.96 -14.54 18.48
C SER A 155 14.14 -13.09 18.97
N ALA A 160 19.00 -5.36 14.58
CA ALA A 160 19.59 -6.54 13.93
C ALA A 160 19.17 -6.53 12.45
N LEU A 161 18.25 -5.60 12.18
CA LEU A 161 17.86 -5.26 10.82
C LEU A 161 18.42 -3.87 10.61
N LYS A 162 19.42 -3.85 9.75
CA LYS A 162 20.17 -2.66 9.42
C LYS A 162 20.22 -2.49 7.90
N PRO A 163 20.28 -1.24 7.42
CA PRO A 163 20.30 -1.02 5.99
C PRO A 163 21.60 -1.41 5.35
N VAL A 164 21.51 -1.85 4.10
CA VAL A 164 22.71 -2.16 3.30
C VAL A 164 22.69 -1.27 2.05
N ASN A 165 23.78 -0.57 1.87
CA ASN A 165 23.81 0.51 0.89
C ASN A 165 24.84 0.34 -0.20
N GLU A 166 24.60 -0.69 -1.02
CA GLU A 166 25.43 -1.02 -2.16
C GLU A 166 24.70 -0.79 -3.47
N ARG A 167 25.32 -1.24 -4.54
CA ARG A 167 24.76 -1.08 -5.90
C ARG A 167 23.82 -2.21 -6.28
N TYR A 168 22.76 -1.82 -6.95
CA TYR A 168 21.74 -2.73 -7.45
C TYR A 168 22.09 -3.15 -8.87
N ALA A 169 22.45 -4.41 -8.97
CA ALA A 169 22.88 -5.04 -10.21
C ALA A 169 21.73 -5.78 -10.85
N GLY A 170 20.62 -5.77 -10.15
CA GLY A 170 19.39 -6.43 -10.57
C GLY A 170 18.73 -5.74 -11.75
N ARG A 171 17.62 -6.34 -12.16
CA ARG A 171 16.97 -6.07 -13.42
C ARG A 171 15.61 -5.45 -13.33
N TRP A 172 15.15 -5.23 -12.10
CA TRP A 172 13.88 -4.55 -11.90
C TRP A 172 14.13 -3.06 -11.78
N ARG A 173 13.19 -2.28 -12.29
CA ARG A 173 13.25 -0.82 -12.24
C ARG A 173 12.07 -0.18 -11.59
N CYS A 174 11.08 -0.99 -11.25
CA CYS A 174 9.91 -0.49 -10.46
C CYS A 174 9.91 -1.31 -9.22
N PHE A 175 9.66 -0.62 -8.12
CA PHE A 175 9.75 -1.16 -6.77
C PHE A 175 8.72 -0.61 -5.84
N PHE A 176 8.42 -1.40 -4.82
CA PHE A 176 7.58 -0.98 -3.71
C PHE A 176 8.52 -0.37 -2.71
N ILE A 177 8.34 0.92 -2.46
CA ILE A 177 9.09 1.58 -1.43
C ILE A 177 8.14 2.39 -0.56
N ASP A 178 8.18 2.15 0.73
CA ASP A 178 7.27 2.86 1.66
C ASP A 178 5.86 2.94 1.10
N TRP A 179 5.36 1.78 0.69
CA TRP A 179 3.96 1.57 0.20
C TRP A 179 3.56 2.33 -1.06
N LYS A 180 4.59 2.72 -1.78
CA LYS A 180 4.48 3.40 -3.06
C LYS A 180 5.21 2.55 -4.10
N TYR A 181 4.54 2.26 -5.21
CA TYR A 181 5.16 1.55 -6.33
C TYR A 181 5.68 2.61 -7.32
N CYS A 183 9.05 3.83 -10.13
CA CYS A 183 10.08 3.44 -11.04
C CYS A 183 11.15 4.51 -11.17
N SER A 184 12.34 4.04 -11.46
CA SER A 184 13.45 4.93 -11.76
C SER A 184 14.56 4.18 -12.52
N ASP A 185 14.86 4.73 -13.72
CA ASP A 185 15.87 4.20 -14.71
C ASP A 185 17.17 3.92 -14.05
N ASP A 186 17.45 4.84 -13.17
CA ASP A 186 18.60 4.78 -12.33
C ASP A 186 18.09 4.62 -10.93
N PRO A 187 18.08 3.36 -10.40
CA PRO A 187 17.60 3.03 -9.04
C PRO A 187 18.45 3.67 -7.93
N ASP A 188 19.53 4.33 -8.34
CA ASP A 188 20.51 5.00 -7.44
C ASP A 188 19.85 6.19 -6.76
N ILE A 189 18.92 6.81 -7.48
CA ILE A 189 18.12 7.94 -6.94
C ILE A 189 17.16 7.45 -5.85
N ILE A 190 16.24 6.59 -6.25
CA ILE A 190 15.33 5.96 -5.31
C ILE A 190 16.15 5.50 -4.09
N HIS A 191 17.31 4.94 -4.39
CA HIS A 191 18.15 4.34 -3.34
C HIS A 191 18.61 5.34 -2.29
N GLU A 192 19.23 6.42 -2.75
CA GLU A 192 19.80 7.41 -1.83
C GLU A 192 18.73 8.16 -1.04
N GLU A 193 17.49 7.90 -1.41
CA GLU A 193 16.34 8.61 -0.79
C GLU A 193 15.70 7.87 0.40
N TYR A 194 15.71 6.56 0.36
CA TYR A 194 15.14 5.73 1.46
C TYR A 194 16.20 4.80 2.01
N SER A 195 17.41 5.35 2.03
CA SER A 195 18.64 4.61 2.32
C SER A 195 18.66 3.86 3.67
N ASN A 196 18.04 4.46 4.68
CA ASN A 196 18.00 3.87 6.03
C ASN A 196 16.95 2.78 6.18
N ASN A 197 16.20 2.56 5.09
CA ASN A 197 15.19 1.53 5.04
C ASN A 197 15.39 0.57 3.89
N LEU A 198 16.59 0.53 3.33
CA LEU A 198 16.87 -0.35 2.22
C LEU A 198 18.04 -1.29 2.49
N ILE A 199 17.87 -2.50 1.97
CA ILE A 199 18.89 -3.52 1.92
C ILE A 199 19.06 -3.75 0.43
N VAL A 200 20.13 -3.18 -0.11
CA VAL A 200 20.42 -3.25 -1.54
C VAL A 200 21.82 -3.71 -1.75
N ASP A 201 21.95 -4.77 -2.52
CA ASP A 201 23.25 -5.37 -2.76
C ASP A 201 23.13 -6.46 -3.82
N GLY A 202 23.64 -6.14 -5.00
CA GLY A 202 23.58 -7.05 -6.14
C GLY A 202 22.17 -7.18 -6.66
N SER A 203 21.58 -8.37 -6.47
CA SER A 203 20.18 -8.62 -6.88
C SER A 203 19.20 -8.47 -5.74
N THR A 204 19.73 -8.25 -4.54
CA THR A 204 18.88 -8.01 -3.37
C THR A 204 18.41 -6.53 -3.35
N PHE A 205 17.11 -6.38 -3.24
CA PHE A 205 16.53 -5.05 -3.15
C PHE A 205 15.29 -5.16 -2.30
N VAL A 206 15.47 -4.88 -1.01
CA VAL A 206 14.44 -4.99 0.02
C VAL A 206 14.20 -3.68 0.77
N TYR A 207 12.94 -3.33 0.82
CA TYR A 207 12.51 -2.19 1.61
C TYR A 207 11.89 -2.73 2.91
N PHE A 208 12.34 -2.20 4.04
CA PHE A 208 11.81 -2.60 5.33
C PHE A 208 11.30 -1.42 6.18
N ASP A 209 10.31 -1.75 7.01
CA ASP A 209 9.66 -0.80 7.90
C ASP A 209 9.38 -1.50 9.23
N ILE A 210 10.21 -1.13 10.20
CA ILE A 210 10.13 -1.63 11.56
C ILE A 210 9.10 -0.76 12.27
N TYR A 211 8.17 -1.41 12.97
CA TYR A 211 7.14 -0.64 13.67
C TYR A 211 6.92 -1.24 15.02
N GLU A 212 6.01 -0.65 15.79
CA GLU A 212 5.71 -1.14 17.12
C GLU A 212 4.94 -2.42 17.07
N GLY A 213 5.59 -3.54 17.32
CA GLY A 213 4.90 -4.82 17.25
C GLY A 213 5.31 -5.73 16.08
N GLY A 214 6.08 -5.20 15.17
CA GLY A 214 6.54 -6.01 14.04
C GLY A 214 7.36 -5.29 13.00
N ILE A 215 7.49 -5.95 11.84
CA ILE A 215 8.29 -5.46 10.73
C ILE A 215 7.72 -5.96 9.44
N ASP A 216 7.61 -5.04 8.49
CA ASP A 216 7.20 -5.37 7.15
C ASP A 216 8.44 -5.28 6.25
N LEU A 217 8.59 -6.26 5.36
CA LEU A 217 9.63 -6.32 4.36
C LEU A 217 9.05 -6.52 3.00
N PHE A 218 9.39 -5.64 2.08
CA PHE A 218 8.99 -5.75 0.69
C PHE A 218 10.16 -6.23 -0.15
N VAL A 219 10.05 -7.46 -0.62
CA VAL A 219 11.13 -8.07 -1.38
C VAL A 219 10.89 -7.81 -2.83
N ASN A 220 11.60 -6.80 -3.32
CA ASN A 220 11.53 -6.34 -4.71
C ASN A 220 12.41 -7.13 -5.68
N ASP A 221 13.45 -7.71 -5.12
CA ASP A 221 14.42 -8.54 -5.85
C ASP A 221 15.32 -9.30 -4.90
N SER A 222 15.71 -10.47 -5.35
CA SER A 222 16.63 -11.31 -4.59
C SER A 222 17.13 -12.46 -5.45
N ASP A 223 18.39 -12.85 -5.30
CA ASP A 223 18.88 -14.00 -6.05
C ASP A 223 18.46 -15.25 -5.33
N ASP A 224 18.06 -15.12 -4.07
CA ASP A 224 17.58 -16.27 -3.27
C ASP A 224 16.60 -15.84 -2.18
N ALA A 225 15.35 -15.66 -2.58
CA ALA A 225 14.31 -15.16 -1.65
C ALA A 225 14.06 -16.14 -0.51
N SER A 226 14.10 -17.44 -0.80
CA SER A 226 13.89 -18.44 0.28
C SER A 226 14.86 -18.20 1.44
N SER A 227 16.12 -18.00 1.12
CA SER A 227 17.15 -17.82 2.18
C SER A 227 16.95 -16.52 2.91
N PHE A 228 16.56 -15.51 2.15
CA PHE A 228 16.32 -14.19 2.74
C PHE A 228 15.18 -14.29 3.78
N ILE A 229 14.13 -15.00 3.41
CA ILE A 229 13.00 -15.14 4.31
C ILE A 229 13.35 -15.98 5.52
N GLU A 230 14.06 -17.07 5.25
CA GLU A 230 14.41 -18.01 6.32
C GLU A 230 15.26 -17.34 7.39
N LYS A 231 16.11 -16.43 6.96
CA LYS A 231 17.01 -15.69 7.87
C LYS A 231 16.30 -14.67 8.76
N TYR A 232 15.39 -13.92 8.14
CA TYR A 232 14.76 -12.78 8.83
C TYR A 232 13.38 -13.03 9.42
N ARG A 233 12.78 -14.17 9.09
CA ARG A 233 11.44 -14.50 9.58
C ARG A 233 11.41 -14.60 11.10
N SER A 234 12.59 -14.77 11.68
CA SER A 234 12.73 -15.07 13.11
C SER A 234 12.71 -13.85 14.00
N ASN A 236 11.59 -10.52 15.91
CA ASN A 236 10.53 -10.38 16.91
C ASN A 236 9.25 -9.64 16.48
N GLY A 237 8.13 -10.26 16.86
CA GLY A 237 6.80 -9.75 16.57
C GLY A 237 6.26 -10.26 15.27
N ARG A 238 5.33 -9.51 14.71
CA ARG A 238 4.77 -9.92 13.46
C ARG A 238 5.69 -9.55 12.27
N ILE A 239 6.19 -10.58 11.60
CA ILE A 239 7.09 -10.40 10.45
C ILE A 239 6.37 -10.79 9.17
N THR A 240 6.20 -9.81 8.30
CA THR A 240 5.46 -9.96 7.03
C THR A 240 6.30 -9.56 5.83
N PHE A 241 6.38 -10.51 4.91
CA PHE A 241 7.06 -10.32 3.65
C PHE A 241 6.07 -10.20 2.56
N TYR A 242 6.25 -9.12 1.80
CA TYR A 242 5.52 -8.87 0.56
C TYR A 242 6.54 -9.11 -0.52
N VAL A 243 6.35 -10.21 -1.24
CA VAL A 243 7.35 -10.70 -2.19
C VAL A 243 6.88 -10.61 -3.63
N ARG A 244 7.71 -10.03 -4.48
CA ARG A 244 7.34 -9.84 -5.86
C ARG A 244 7.00 -11.20 -6.47
N LYS A 245 5.88 -11.24 -7.16
CA LYS A 245 5.34 -12.50 -7.75
C LYS A 245 6.38 -13.43 -8.41
N ALA A 246 7.25 -12.85 -9.21
CA ALA A 246 8.20 -13.62 -10.00
C ALA A 246 9.14 -14.36 -9.10
N LEU A 247 9.37 -13.81 -7.91
CA LEU A 247 10.25 -14.45 -6.93
C LEU A 247 9.50 -15.46 -6.05
N ALA A 248 8.23 -15.16 -5.84
CA ALA A 248 7.35 -15.91 -4.92
C ALA A 248 7.13 -17.31 -5.49
N ASN A 249 7.32 -17.36 -6.78
CA ASN A 249 7.07 -18.56 -7.53
C ASN A 249 8.07 -19.62 -7.16
N GLY A 250 9.19 -19.20 -6.60
CA GLY A 250 10.27 -20.14 -6.21
C GLY A 250 10.31 -20.43 -4.71
N LEU A 251 9.30 -19.99 -4.00
CA LEU A 251 9.22 -20.23 -2.54
C LEU A 251 8.37 -21.49 -2.25
N PRO A 252 8.67 -22.23 -1.17
CA PRO A 252 7.85 -23.43 -0.83
C PRO A 252 6.43 -23.16 -0.38
N TYR A 253 6.22 -22.10 0.37
CA TYR A 253 4.91 -21.79 0.91
C TYR A 253 4.10 -21.19 -0.20
N VAL A 254 2.85 -21.57 -0.25
CA VAL A 254 1.88 -20.99 -1.15
C VAL A 254 1.01 -19.99 -0.38
N PRO A 255 1.13 -18.67 -0.68
CA PRO A 255 0.31 -17.72 0.05
C PRO A 255 -1.16 -17.75 -0.37
N ALA A 256 -2.00 -17.37 0.56
CA ALA A 256 -3.42 -17.30 0.36
C ALA A 256 -3.79 -15.99 -0.27
N SER A 257 -2.93 -15.01 -0.14
CA SER A 257 -3.25 -13.73 -0.71
C SER A 257 -2.05 -12.92 -1.11
N SER A 258 -2.36 -11.84 -1.80
CA SER A 258 -1.35 -10.94 -2.32
C SER A 258 -1.76 -9.47 -2.31
N LEU A 259 -0.73 -8.64 -2.36
CA LEU A 259 -0.89 -7.20 -2.55
C LEU A 259 -0.65 -6.88 -4.01
N THR A 260 -1.71 -6.45 -4.67
CA THR A 260 -1.66 -6.18 -6.09
C THR A 260 -1.54 -4.72 -6.36
N VAL A 261 -0.86 -4.43 -7.47
CA VAL A 261 -0.65 -3.05 -7.98
C VAL A 261 -1.38 -2.81 -9.31
N TRP A 262 -2.23 -1.80 -9.26
CA TRP A 262 -3.02 -1.28 -10.38
C TRP A 262 -2.55 0.09 -10.85
N GLU A 263 -2.61 0.26 -12.16
CA GLU A 263 -2.27 1.50 -12.81
C GLU A 263 -3.31 1.98 -13.83
N TYR A 264 -3.50 3.29 -13.74
CA TYR A 264 -4.37 4.10 -14.58
C TYR A 264 -3.50 5.07 -15.40
N ARG A 265 -3.80 5.12 -16.69
CA ARG A 265 -3.10 6.04 -17.62
C ARG A 265 -4.04 7.06 -18.22
N TYR A 266 -3.67 8.33 -18.14
CA TYR A 266 -4.45 9.38 -18.82
C TYR A 266 -4.28 9.34 -20.33
#